data_6RTO
#
_entry.id   6RTO
#
_cell.length_a   142.271
_cell.length_b   101.977
_cell.length_c   58.472
_cell.angle_alpha   90.000
_cell.angle_beta   112.573
_cell.angle_gamma   90.000
#
_symmetry.space_group_name_H-M   'C 1 2 1'
#
loop_
_entity.id
_entity.type
_entity.pdbx_description
1 polymer 'Thioredoxin glutathione reductase'
2 non-polymer 'FLAVIN-ADENINE DINUCLEOTIDE'
3 non-polymer 1-methylidenenaphthalen-2-one
4 non-polymer 'TRIETHYLENE GLYCOL'
5 water water
#
_entity_poly.entity_id   1
_entity_poly.type   'polypeptide(L)'
_entity_poly.pdbx_seq_one_letter_code
;MPPADGTSQWLRKTVDSAAVILFSKTTCPYCKKVKDVLAEAKIKHATIELDQLSNGSAIQKCLASFSKIETVPQMFVRGK
FIGDSQTVLKYYSNDELAGIVNESKYDYDLIVIGGGSGGLAAGKEAAKYGAKTAVLDYVEPTPIGTTWGLGGTCVNVGCI
PKKLMHQAGLLSHALEDAEHFGWSLDRSKISHNWSTMVEGVQSHIGSLNWGYKVALRDNQVTYLNAKGRLISPHEVQITD
KNQKVSTITGNKIILATGERPKYPEIPGAVEYGITSDDLFSLPYFPGKTLVIGASYVALECAGFLASLGGDVTVMVRSIL
LRGFDQQMAEKVGDYMENHGVKFAKLCVPDEIKQLKVVDTENNKPGLLLVKGHYTDGKKFEEEFETVIFAVGREPQLSKV
LCETVGVKLDKNGRVVCTDDEQTTVSNVYAIGDINAGKPQLTPVAIQAGRYLARRLFAGATELTDYSNVATTVFTPLEYG
ACGLSEEDAIEKYGDKDIEVYHSNFKPLEWTVAHREDNVCYMKLVCRKSDNMRVLGLHVLGPNAGEITQGYAVAIKMGAT
KADFDRTIGIHPTCSETFTTLHVTKKSGVSPIVSGCUG
;
_entity_poly.pdbx_strand_id   A
#
# COMPACT_ATOMS: atom_id res chain seq x y z
N GLY A 6 -30.22 -16.45 -7.81
CA GLY A 6 -28.79 -16.27 -7.92
C GLY A 6 -28.32 -15.18 -8.89
N THR A 7 -28.41 -15.46 -10.19
CA THR A 7 -28.05 -14.47 -11.19
C THR A 7 -28.86 -13.19 -11.03
N SER A 8 -30.08 -13.26 -10.49
CA SER A 8 -30.93 -12.08 -10.44
C SER A 8 -30.61 -11.17 -9.26
N GLN A 9 -30.18 -11.73 -8.12
CA GLN A 9 -29.60 -10.88 -7.10
C GLN A 9 -28.44 -10.05 -7.67
N TRP A 10 -27.65 -10.65 -8.57
CA TRP A 10 -26.47 -9.96 -9.10
C TRP A 10 -26.87 -8.85 -10.06
N LEU A 11 -27.75 -9.16 -11.02
CA LEU A 11 -28.18 -8.15 -11.96
C LEU A 11 -28.95 -7.03 -11.27
N ARG A 12 -29.55 -7.29 -10.11
CA ARG A 12 -30.26 -6.21 -9.44
C ARG A 12 -29.28 -5.17 -8.93
N LYS A 13 -28.25 -5.62 -8.21
CA LYS A 13 -27.20 -4.73 -7.76
C LYS A 13 -26.55 -3.99 -8.93
N THR A 14 -26.29 -4.68 -10.04
CA THR A 14 -25.53 -4.07 -11.13
C THR A 14 -26.30 -2.91 -11.74
N VAL A 15 -27.58 -3.12 -12.03
CA VAL A 15 -28.32 -2.09 -12.74
C VAL A 15 -28.53 -0.87 -11.85
N ASP A 16 -28.73 -1.09 -10.55
CA ASP A 16 -28.91 0.03 -9.64
C ASP A 16 -27.64 0.85 -9.50
N SER A 17 -26.49 0.19 -9.52
CA SER A 17 -25.24 0.85 -9.16
C SER A 17 -24.56 1.51 -10.34
N ALA A 18 -24.51 0.83 -11.48
CA ALA A 18 -23.82 1.40 -12.64
C ALA A 18 -24.36 2.79 -12.98
N ALA A 19 -23.43 3.69 -13.35
CA ALA A 19 -23.83 5.04 -13.77
C ALA A 19 -24.24 5.05 -15.23
N VAL A 20 -23.49 4.36 -16.08
CA VAL A 20 -23.71 4.25 -17.51
C VAL A 20 -23.17 2.87 -17.91
N ILE A 21 -24.07 1.95 -18.26
CA ILE A 21 -23.68 0.59 -18.60
C ILE A 21 -24.50 0.10 -19.78
N LEU A 22 -23.85 -0.70 -20.62
CA LEU A 22 -24.47 -1.31 -21.78
C LEU A 22 -24.29 -2.80 -21.71
N PHE A 23 -25.36 -3.55 -21.96
CA PHE A 23 -25.28 -4.98 -22.22
C PHE A 23 -25.29 -5.18 -23.72
N SER A 24 -24.52 -6.16 -24.17
CA SER A 24 -24.20 -6.28 -25.58
C SER A 24 -23.90 -7.74 -25.92
N LYS A 25 -23.54 -7.96 -27.19
CA LYS A 25 -23.02 -9.21 -27.71
C LYS A 25 -21.88 -8.84 -28.66
N THR A 26 -20.88 -9.72 -28.79
CA THR A 26 -19.82 -9.46 -29.77
C THR A 26 -20.36 -9.66 -31.17
N THR A 27 -21.00 -10.80 -31.43
CA THR A 27 -21.50 -11.15 -32.75
C THR A 27 -22.99 -10.80 -32.84
N CYS A 28 -23.22 -9.49 -32.97
CA CYS A 28 -24.53 -8.90 -33.22
CA CYS A 28 -24.53 -8.90 -33.24
C CYS A 28 -24.27 -7.44 -33.61
N PRO A 29 -24.90 -6.92 -34.68
CA PRO A 29 -24.52 -5.60 -35.18
C PRO A 29 -24.79 -4.44 -34.24
N TYR A 30 -26.07 -4.23 -33.92
CA TYR A 30 -26.51 -3.01 -33.23
C TYR A 30 -25.94 -2.87 -31.83
N CYS A 31 -25.25 -3.89 -31.33
CA CYS A 31 -24.36 -3.70 -30.19
C CYS A 31 -23.20 -2.82 -30.65
N LYS A 32 -22.39 -3.36 -31.56
CA LYS A 32 -21.28 -2.64 -32.16
C LYS A 32 -21.61 -1.23 -32.59
N LYS A 33 -22.87 -1.08 -32.98
CA LYS A 33 -23.44 0.15 -33.57
C LYS A 33 -23.52 1.31 -32.58
N VAL A 34 -23.96 1.06 -31.35
CA VAL A 34 -24.16 2.16 -30.34
C VAL A 34 -22.84 2.45 -29.59
N LYS A 35 -21.91 1.51 -29.53
CA LYS A 35 -20.62 1.75 -28.82
C LYS A 35 -19.91 2.91 -29.50
N ASP A 36 -19.79 2.82 -30.82
CA ASP A 36 -19.08 3.80 -31.67
C ASP A 36 -19.75 5.16 -31.48
N VAL A 37 -21.07 5.19 -31.32
CA VAL A 37 -21.79 6.46 -31.21
C VAL A 37 -21.50 7.14 -29.86
N LEU A 38 -21.49 6.35 -28.78
CA LEU A 38 -21.07 6.87 -27.48
C LEU A 38 -19.62 7.34 -27.53
N ALA A 39 -18.74 6.50 -28.08
CA ALA A 39 -17.37 6.89 -28.37
C ALA A 39 -17.40 8.29 -28.98
N GLU A 40 -17.98 8.42 -30.18
CA GLU A 40 -18.02 9.70 -30.85
C GLU A 40 -18.53 10.79 -29.91
N ALA A 41 -19.45 10.44 -29.03
CA ALA A 41 -20.04 11.41 -28.12
C ALA A 41 -19.21 11.63 -26.85
N LYS A 42 -18.06 10.97 -26.70
CA LYS A 42 -17.21 11.15 -25.53
C LYS A 42 -17.98 10.86 -24.24
N ILE A 43 -18.81 9.83 -24.25
CA ILE A 43 -19.57 9.42 -23.07
C ILE A 43 -19.09 8.03 -22.67
N LYS A 44 -18.58 7.91 -21.45
CA LYS A 44 -17.94 6.68 -21.03
C LYS A 44 -18.97 5.79 -20.36
N HIS A 45 -18.71 4.48 -20.39
CA HIS A 45 -19.69 3.53 -19.91
C HIS A 45 -19.02 2.18 -19.74
N ALA A 46 -19.64 1.35 -18.89
CA ALA A 46 -19.26 -0.04 -18.80
C ALA A 46 -19.98 -0.84 -19.88
N THR A 47 -19.50 -2.05 -20.10
CA THR A 47 -20.03 -2.93 -21.12
C THR A 47 -19.91 -4.35 -20.60
N ILE A 48 -20.96 -5.12 -20.80
CA ILE A 48 -21.01 -6.51 -20.40
C ILE A 48 -21.43 -7.31 -21.61
N GLU A 49 -20.50 -8.06 -22.20
CA GLU A 49 -20.73 -8.91 -23.36
C GLU A 49 -21.37 -10.22 -22.86
N LEU A 50 -22.71 -10.27 -22.95
CA LEU A 50 -23.45 -11.45 -22.55
C LEU A 50 -22.96 -12.71 -23.26
N ASP A 51 -22.50 -12.56 -24.51
CA ASP A 51 -21.97 -13.69 -25.24
C ASP A 51 -20.81 -14.39 -24.53
N GLN A 52 -20.26 -13.79 -23.47
CA GLN A 52 -18.97 -14.21 -22.92
C GLN A 52 -19.05 -14.67 -21.47
N LEU A 53 -20.30 -14.88 -20.96
CA LEU A 53 -20.53 -15.39 -19.61
C LEU A 53 -21.33 -16.68 -19.74
N SER A 54 -20.98 -17.60 -18.80
CA SER A 54 -21.86 -18.75 -18.66
C SER A 54 -23.28 -18.27 -18.33
N ASN A 55 -23.34 -17.28 -17.45
CA ASN A 55 -24.61 -16.75 -16.98
C ASN A 55 -25.46 -16.19 -18.11
N GLY A 56 -24.85 -15.80 -19.24
CA GLY A 56 -25.51 -14.89 -20.18
C GLY A 56 -26.89 -15.37 -20.58
N SER A 57 -27.00 -16.67 -20.85
CA SER A 57 -28.28 -17.34 -21.01
C SER A 57 -29.43 -16.73 -20.21
N ALA A 58 -29.35 -16.80 -18.88
CA ALA A 58 -30.38 -16.41 -17.96
C ALA A 58 -30.51 -14.92 -17.91
N ILE A 59 -29.39 -14.19 -18.10
CA ILE A 59 -29.38 -12.76 -17.79
C ILE A 59 -30.19 -11.98 -18.84
N GLN A 60 -29.80 -12.12 -20.12
CA GLN A 60 -30.60 -11.49 -21.16
C GLN A 60 -32.08 -11.81 -21.00
N LYS A 61 -32.39 -12.97 -20.43
CA LYS A 61 -33.78 -13.31 -20.15
C LYS A 61 -34.25 -12.65 -18.86
N CYS A 62 -33.49 -12.80 -17.76
CA CYS A 62 -33.83 -12.07 -16.55
C CYS A 62 -33.74 -10.56 -16.74
N LEU A 63 -33.05 -10.11 -17.80
CA LEU A 63 -32.90 -8.68 -18.05
C LEU A 63 -34.25 -8.03 -18.28
N ALA A 64 -35.17 -8.73 -18.96
CA ALA A 64 -36.50 -8.20 -19.25
C ALA A 64 -37.29 -7.84 -18.00
N SER A 65 -36.87 -8.29 -16.82
CA SER A 65 -37.51 -7.81 -15.60
C SER A 65 -37.26 -6.32 -15.39
N PHE A 66 -36.19 -5.78 -15.95
CA PHE A 66 -35.84 -4.38 -15.76
C PHE A 66 -36.25 -3.49 -16.93
N SER A 67 -36.15 -3.99 -18.17
CA SER A 67 -36.43 -3.14 -19.32
C SER A 67 -37.79 -3.41 -19.97
N LYS A 68 -38.40 -4.56 -19.72
CA LYS A 68 -39.54 -5.04 -20.52
C LYS A 68 -39.06 -5.51 -21.89
N ILE A 69 -37.77 -5.91 -21.97
CA ILE A 69 -37.05 -6.06 -23.23
C ILE A 69 -36.12 -7.27 -23.13
N GLU A 70 -35.77 -7.81 -24.30
CA GLU A 70 -34.76 -8.87 -24.38
C GLU A 70 -33.82 -8.65 -25.57
N THR A 71 -33.90 -7.53 -26.26
CA THR A 71 -32.95 -7.18 -27.31
C THR A 71 -31.61 -6.77 -26.72
N VAL A 72 -30.54 -6.95 -27.51
CA VAL A 72 -29.28 -6.25 -27.28
C VAL A 72 -29.14 -5.31 -28.48
N PRO A 73 -28.73 -4.06 -28.28
CA PRO A 73 -28.22 -3.50 -27.04
C PRO A 73 -29.29 -3.02 -26.07
N GLN A 74 -28.92 -2.95 -24.80
CA GLN A 74 -29.74 -2.36 -23.75
C GLN A 74 -28.84 -1.46 -22.92
N MET A 75 -29.22 -0.18 -22.79
CA MET A 75 -28.43 0.81 -22.08
C MET A 75 -29.21 1.34 -20.88
N PHE A 76 -28.52 1.41 -19.73
CA PHE A 76 -29.05 1.95 -18.49
C PHE A 76 -28.25 3.14 -17.99
N VAL A 77 -28.92 3.98 -17.20
CA VAL A 77 -28.23 5.11 -16.58
C VAL A 77 -28.75 5.21 -15.16
N ARG A 78 -27.85 5.02 -14.19
CA ARG A 78 -28.16 5.21 -12.77
C ARG A 78 -29.47 4.53 -12.44
N GLY A 79 -29.53 3.26 -12.79
CA GLY A 79 -30.60 2.40 -12.37
C GLY A 79 -31.79 2.37 -13.28
N LYS A 80 -31.74 3.03 -14.44
CA LYS A 80 -32.93 3.18 -15.25
C LYS A 80 -32.70 2.97 -16.73
N PHE A 81 -33.41 1.99 -17.29
CA PHE A 81 -33.39 1.66 -18.70
C PHE A 81 -33.57 2.90 -19.57
N ILE A 82 -32.66 3.08 -20.52
CA ILE A 82 -32.73 4.22 -21.42
C ILE A 82 -32.86 3.82 -22.87
N GLY A 83 -32.87 2.52 -23.13
CA GLY A 83 -33.47 2.08 -24.36
C GLY A 83 -32.84 1.04 -25.23
N ASP A 84 -33.17 1.10 -26.52
CA ASP A 84 -32.90 0.14 -27.57
C ASP A 84 -31.86 0.72 -28.52
N SER A 85 -31.68 0.04 -29.66
CA SER A 85 -30.91 0.65 -30.74
C SER A 85 -31.37 2.09 -31.00
N GLN A 86 -32.67 2.30 -31.22
CA GLN A 86 -33.17 3.56 -31.75
C GLN A 86 -33.43 4.63 -30.69
N THR A 87 -33.94 4.25 -29.51
CA THR A 87 -34.27 5.26 -28.50
C THR A 87 -33.04 6.04 -28.07
N VAL A 88 -31.86 5.42 -28.17
CA VAL A 88 -30.63 6.11 -27.81
C VAL A 88 -30.14 6.95 -28.99
N LEU A 89 -30.11 6.38 -30.20
CA LEU A 89 -29.81 7.23 -31.37
C LEU A 89 -30.79 8.38 -31.44
N LYS A 90 -32.00 8.12 -30.94
CA LYS A 90 -33.12 9.09 -30.86
C LYS A 90 -32.71 10.19 -29.87
N TYR A 91 -31.81 9.89 -28.93
CA TYR A 91 -31.39 10.87 -27.93
C TYR A 91 -30.17 11.67 -28.43
N TYR A 92 -29.17 11.01 -29.00
CA TYR A 92 -28.14 11.72 -29.75
C TYR A 92 -28.79 12.56 -30.84
N SER A 93 -29.67 11.89 -31.58
CA SER A 93 -30.57 12.47 -32.60
C SER A 93 -30.97 13.95 -32.42
N ASN A 94 -31.60 14.26 -31.28
CA ASN A 94 -32.06 15.56 -30.85
C ASN A 94 -31.09 16.18 -29.85
N ASP A 95 -29.89 15.61 -29.70
CA ASP A 95 -28.82 16.15 -28.86
C ASP A 95 -29.14 16.08 -27.36
N GLU A 96 -30.12 15.26 -26.97
CA GLU A 96 -30.51 15.16 -25.57
C GLU A 96 -29.81 14.01 -24.83
N LEU A 97 -28.74 13.46 -25.38
CA LEU A 97 -28.00 12.38 -24.75
C LEU A 97 -26.95 12.89 -23.75
N ALA A 98 -26.83 14.20 -23.57
CA ALA A 98 -25.96 14.73 -22.51
C ALA A 98 -26.57 14.91 -21.13
N GLY A 99 -27.73 15.55 -21.05
CA GLY A 99 -28.49 15.63 -19.82
C GLY A 99 -29.20 14.35 -19.43
N ILE A 100 -29.26 13.37 -20.35
CA ILE A 100 -29.72 12.03 -20.00
C ILE A 100 -28.68 11.17 -19.27
N VAL A 101 -27.54 10.93 -19.94
CA VAL A 101 -26.44 10.20 -19.30
C VAL A 101 -25.88 10.99 -18.15
N ASN A 102 -26.16 12.29 -18.09
CA ASN A 102 -25.45 13.14 -17.16
C ASN A 102 -26.26 13.59 -15.95
N GLU A 103 -27.53 13.27 -15.86
CA GLU A 103 -28.21 13.71 -14.65
C GLU A 103 -28.44 12.59 -13.65
N SER A 104 -28.44 12.98 -12.39
CA SER A 104 -28.37 12.10 -11.23
C SER A 104 -29.12 12.82 -10.15
N LYS A 105 -29.52 12.09 -9.13
CA LYS A 105 -29.98 12.73 -7.91
C LYS A 105 -28.85 13.53 -7.28
N TYR A 106 -27.63 13.02 -7.37
CA TYR A 106 -26.50 13.64 -6.69
C TYR A 106 -25.51 14.25 -7.67
N ASP A 107 -24.65 15.10 -7.11
CA ASP A 107 -23.60 15.71 -7.90
C ASP A 107 -22.68 14.66 -8.51
N TYR A 108 -22.51 13.53 -7.85
CA TYR A 108 -21.53 12.57 -8.31
C TYR A 108 -21.99 11.14 -8.13
N ASP A 109 -21.67 10.31 -9.10
CA ASP A 109 -21.80 8.87 -8.86
C ASP A 109 -20.89 8.40 -7.73
N LEU A 110 -19.78 9.10 -7.52
CA LEU A 110 -18.81 8.64 -6.53
C LEU A 110 -18.03 9.82 -5.97
N ILE A 111 -18.00 9.89 -4.65
CA ILE A 111 -17.05 10.75 -3.99
C ILE A 111 -16.07 9.85 -3.26
N VAL A 112 -14.76 10.05 -3.51
CA VAL A 112 -13.67 9.39 -2.81
C VAL A 112 -13.11 10.37 -1.82
N ILE A 113 -13.01 9.98 -0.57
CA ILE A 113 -12.49 10.88 0.46
C ILE A 113 -11.11 10.38 0.81
N GLY A 114 -10.11 11.17 0.45
CA GLY A 114 -8.72 10.81 0.62
C GLY A 114 -8.09 10.44 -0.72
N GLY A 115 -7.00 11.13 -1.08
CA GLY A 115 -6.37 10.95 -2.36
C GLY A 115 -5.05 10.20 -2.26
N GLY A 116 -5.10 9.01 -1.67
CA GLY A 116 -3.91 8.18 -1.53
C GLY A 116 -3.93 7.01 -2.51
N SER A 117 -3.14 6.01 -2.21
CA SER A 117 -2.97 4.90 -3.14
C SER A 117 -4.34 4.33 -3.55
N GLY A 118 -5.14 3.93 -2.58
CA GLY A 118 -6.41 3.30 -2.92
C GLY A 118 -7.41 4.28 -3.51
N GLY A 119 -7.48 5.47 -2.92
CA GLY A 119 -8.50 6.42 -3.38
C GLY A 119 -8.28 6.88 -4.80
N LEU A 120 -7.03 7.16 -5.18
CA LEU A 120 -6.82 7.60 -6.56
C LEU A 120 -7.07 6.43 -7.51
N ALA A 121 -6.66 5.23 -7.11
CA ALA A 121 -6.87 4.09 -7.99
C ALA A 121 -8.35 3.80 -8.18
N ALA A 122 -9.15 3.94 -7.11
CA ALA A 122 -10.58 3.68 -7.22
C ALA A 122 -11.25 4.75 -8.07
N GLY A 123 -10.97 6.02 -7.72
CA GLY A 123 -11.51 7.13 -8.50
C GLY A 123 -11.29 6.96 -9.97
N LYS A 124 -10.04 6.67 -10.37
CA LYS A 124 -9.69 6.57 -11.79
C LYS A 124 -10.48 5.47 -12.45
N GLU A 125 -10.50 4.29 -11.84
CA GLU A 125 -11.13 3.16 -12.50
C GLU A 125 -12.64 3.36 -12.60
N ALA A 126 -13.25 4.08 -11.64
CA ALA A 126 -14.68 4.34 -11.70
C ALA A 126 -14.99 5.30 -12.82
N ALA A 127 -14.20 6.36 -12.93
CA ALA A 127 -14.44 7.33 -14.00
C ALA A 127 -14.39 6.63 -15.36
N LYS A 128 -13.65 5.53 -15.47
CA LYS A 128 -13.47 4.83 -16.73
C LYS A 128 -14.72 4.15 -17.21
N TYR A 129 -15.76 4.01 -16.37
CA TYR A 129 -17.03 3.42 -16.77
C TYR A 129 -18.19 4.38 -16.56
N GLY A 130 -17.97 5.67 -16.67
CA GLY A 130 -19.03 6.62 -16.67
C GLY A 130 -19.29 7.31 -15.36
N ALA A 131 -18.76 6.81 -14.25
CA ALA A 131 -19.05 7.42 -12.98
C ALA A 131 -18.56 8.86 -12.93
N LYS A 132 -19.47 9.77 -12.57
CA LYS A 132 -19.11 11.16 -12.25
C LYS A 132 -18.40 11.13 -10.91
N THR A 133 -17.13 11.46 -10.91
CA THR A 133 -16.29 11.19 -9.76
C THR A 133 -15.59 12.44 -9.25
N ALA A 134 -15.49 12.52 -7.93
CA ALA A 134 -14.75 13.56 -7.24
C ALA A 134 -13.83 12.92 -6.22
N VAL A 135 -12.59 13.38 -6.19
CA VAL A 135 -11.55 12.91 -5.29
C VAL A 135 -11.22 14.10 -4.40
N LEU A 136 -11.39 13.93 -3.11
CA LEU A 136 -10.96 14.92 -2.13
C LEU A 136 -9.65 14.48 -1.47
N ASP A 137 -8.75 15.43 -1.27
CA ASP A 137 -7.49 15.19 -0.58
C ASP A 137 -7.07 16.46 0.13
N TYR A 138 -6.54 16.27 1.32
CA TYR A 138 -5.96 17.32 2.13
C TYR A 138 -4.97 16.65 3.06
N VAL A 139 -3.96 17.41 3.45
CA VAL A 139 -2.85 16.90 4.24
C VAL A 139 -2.74 17.79 5.47
N GLU A 140 -3.30 17.30 6.57
CA GLU A 140 -3.10 17.97 7.85
C GLU A 140 -1.60 18.02 8.12
N PRO A 141 -1.04 19.20 8.37
CA PRO A 141 0.42 19.26 8.60
C PRO A 141 0.83 18.49 9.85
N THR A 142 2.10 18.11 9.87
CA THR A 142 2.71 17.60 11.08
C THR A 142 2.89 18.73 12.10
N PRO A 143 3.19 18.36 13.36
CA PRO A 143 3.39 19.37 14.42
C PRO A 143 4.39 20.45 14.09
N ILE A 144 5.31 20.21 13.16
CA ILE A 144 6.23 21.25 12.74
C ILE A 144 5.80 21.93 11.46
N GLY A 145 4.65 21.59 10.90
CA GLY A 145 4.17 22.28 9.73
C GLY A 145 4.52 21.65 8.40
N THR A 146 5.17 20.50 8.39
CA THR A 146 5.41 19.81 7.13
C THR A 146 4.09 19.45 6.45
N THR A 147 4.06 19.61 5.14
CA THR A 147 2.93 19.18 4.32
C THR A 147 3.46 18.71 2.96
N TRP A 148 2.56 18.24 2.09
CA TRP A 148 2.94 17.72 0.77
C TRP A 148 1.69 17.66 -0.12
N GLY A 149 1.90 17.32 -1.38
CA GLY A 149 0.85 17.31 -2.37
C GLY A 149 0.11 15.98 -2.51
N LEU A 150 -0.62 15.86 -3.63
CA LEU A 150 -1.47 14.71 -3.87
C LEU A 150 -0.71 13.40 -4.05
N GLY A 151 -1.26 12.33 -3.51
CA GLY A 151 -0.70 11.03 -3.73
C GLY A 151 -0.70 10.04 -2.59
N GLY A 152 -0.72 10.57 -1.36
CA GLY A 152 -0.92 9.76 -0.15
C GLY A 152 0.38 9.46 0.55
N THR A 153 0.30 8.48 1.48
CA THR A 153 1.46 8.19 2.34
C THR A 153 2.62 7.57 1.54
N CYS A 154 2.34 6.56 0.73
CA CYS A 154 3.33 5.84 -0.08
C CYS A 154 4.15 6.79 -0.95
N VAL A 155 3.51 7.58 -1.78
CA VAL A 155 4.10 8.53 -2.75
C VAL A 155 4.95 9.61 -2.07
N ASN A 156 4.38 10.26 -1.07
CA ASN A 156 4.94 11.46 -0.39
C ASN A 156 5.84 11.16 0.80
N VAL A 157 5.42 10.33 1.74
CA VAL A 157 6.18 10.09 2.99
C VAL A 157 6.26 8.60 3.31
N GLY A 158 6.25 7.74 2.30
CA GLY A 158 6.23 6.28 2.51
C GLY A 158 7.15 5.51 1.57
N CYS A 159 6.69 4.38 1.01
CA CYS A 159 7.53 3.49 0.17
C CYS A 159 8.33 4.25 -0.87
N ILE A 160 7.81 5.29 -1.51
CA ILE A 160 8.59 5.93 -2.57
C ILE A 160 9.86 6.60 -2.02
N PRO A 161 9.76 7.67 -1.21
CA PRO A 161 11.01 8.27 -0.68
C PRO A 161 11.79 7.27 0.16
N LYS A 162 11.08 6.43 0.93
CA LYS A 162 11.77 5.44 1.76
C LYS A 162 12.70 4.59 0.88
N LYS A 163 12.18 4.13 -0.26
CA LYS A 163 12.98 3.19 -1.06
C LYS A 163 14.11 3.91 -1.79
N LEU A 164 13.89 5.15 -2.20
CA LEU A 164 14.94 5.94 -2.83
C LEU A 164 16.10 6.17 -1.85
N MET A 165 15.81 6.48 -0.60
CA MET A 165 16.86 6.67 0.40
C MET A 165 17.52 5.37 0.77
N HIS A 166 16.74 4.27 0.75
CA HIS A 166 17.32 2.94 0.74
C HIS A 166 18.38 2.81 -0.38
N GLN A 167 17.96 3.15 -1.61
CA GLN A 167 18.85 3.02 -2.76
C GLN A 167 20.12 3.82 -2.53
N ALA A 168 19.97 5.05 -2.06
CA ALA A 168 21.15 5.88 -1.81
C ALA A 168 22.03 5.19 -0.78
N GLY A 169 21.41 4.53 0.19
CA GLY A 169 22.17 3.76 1.15
C GLY A 169 22.86 2.60 0.52
N LEU A 170 22.19 1.91 -0.41
CA LEU A 170 22.82 0.74 -1.02
C LEU A 170 24.03 1.18 -1.86
N LEU A 171 23.93 2.36 -2.53
CA LEU A 171 25.05 2.87 -3.29
C LEU A 171 26.28 3.06 -2.43
N SER A 172 26.13 3.22 -1.12
CA SER A 172 27.31 3.27 -0.26
C SER A 172 28.11 1.99 -0.40
N HIS A 173 27.44 0.87 -0.31
CA HIS A 173 28.10 -0.44 -0.43
C HIS A 173 28.51 -0.71 -1.87
N ALA A 174 27.77 -0.17 -2.83
CA ALA A 174 28.25 -0.21 -4.21
C ALA A 174 29.58 0.53 -4.38
N LEU A 175 29.72 1.70 -3.75
CA LEU A 175 31.00 2.42 -3.83
C LEU A 175 32.12 1.61 -3.19
N GLU A 176 31.85 0.97 -2.04
CA GLU A 176 32.80 0.02 -1.44
C GLU A 176 33.09 -1.12 -2.41
N ASP A 177 32.04 -1.76 -2.96
CA ASP A 177 32.23 -2.96 -3.79
C ASP A 177 33.05 -2.66 -5.02
N ALA A 178 32.79 -1.52 -5.65
CA ALA A 178 33.49 -1.09 -6.87
C ALA A 178 35.02 -1.15 -6.83
N GLU A 179 35.62 -0.95 -5.66
CA GLU A 179 37.08 -1.05 -5.58
C GLU A 179 37.54 -2.47 -5.84
N HIS A 180 36.89 -3.45 -5.23
CA HIS A 180 37.33 -4.83 -5.43
C HIS A 180 37.04 -5.32 -6.84
N PHE A 181 36.09 -4.70 -7.51
CA PHE A 181 35.86 -5.02 -8.90
C PHE A 181 36.75 -4.22 -9.84
N GLY A 182 37.71 -3.43 -9.31
CA GLY A 182 38.79 -2.85 -10.10
C GLY A 182 38.69 -1.35 -10.32
N TRP A 183 37.71 -0.67 -9.76
CA TRP A 183 37.53 0.75 -10.04
C TRP A 183 38.40 1.56 -9.10
N SER A 184 39.08 2.56 -9.65
CA SER A 184 40.01 3.41 -8.88
C SER A 184 39.17 4.40 -8.09
N LEU A 185 38.98 4.14 -6.83
CA LEU A 185 37.98 4.84 -6.06
C LEU A 185 38.59 5.36 -4.79
N ASP A 186 38.35 6.63 -4.54
CA ASP A 186 38.90 7.42 -3.45
C ASP A 186 37.94 7.41 -2.26
N ARG A 187 38.00 6.33 -1.45
CA ARG A 187 37.08 6.29 -0.31
C ARG A 187 37.48 7.27 0.81
N SER A 188 38.76 7.71 0.83
CA SER A 188 39.18 8.79 1.72
C SER A 188 38.82 10.18 1.20
N LYS A 189 37.84 10.27 0.28
CA LYS A 189 37.38 11.57 -0.22
C LYS A 189 35.93 11.51 -0.71
N ILE A 190 35.14 10.56 -0.21
CA ILE A 190 33.75 10.43 -0.62
C ILE A 190 32.89 10.64 0.60
N SER A 191 32.04 11.65 0.54
CA SER A 191 31.06 11.96 1.56
C SER A 191 29.69 11.93 0.92
N HIS A 192 28.66 12.01 1.74
CA HIS A 192 27.30 12.06 1.25
C HIS A 192 26.65 13.38 1.64
N ASN A 193 25.88 13.97 0.73
CA ASN A 193 25.22 15.23 0.99
C ASN A 193 23.71 15.01 1.06
N TRP A 194 23.15 15.07 2.26
CA TRP A 194 21.71 14.92 2.48
C TRP A 194 20.85 15.87 1.63
N SER A 195 21.20 17.12 1.54
CA SER A 195 20.32 18.07 0.88
C SER A 195 20.19 17.78 -0.61
N THR A 196 21.30 17.37 -1.23
CA THR A 196 21.23 17.00 -2.63
C THR A 196 20.30 15.82 -2.86
N MET A 197 20.41 14.82 -2.02
CA MET A 197 19.55 13.66 -2.14
C MET A 197 18.09 14.02 -1.88
N VAL A 198 17.82 14.73 -0.80
CA VAL A 198 16.42 15.09 -0.49
C VAL A 198 15.83 15.86 -1.66
N GLU A 199 16.63 16.69 -2.31
CA GLU A 199 16.08 17.50 -3.38
C GLU A 199 15.76 16.66 -4.61
N GLY A 200 16.63 15.69 -4.93
CA GLY A 200 16.29 14.78 -6.01
C GLY A 200 15.00 14.00 -5.72
N VAL A 201 14.87 13.49 -4.49
CA VAL A 201 13.71 12.68 -4.06
C VAL A 201 12.44 13.52 -4.11
N GLN A 202 12.54 14.76 -3.59
CA GLN A 202 11.42 15.69 -3.61
C GLN A 202 11.06 16.10 -5.03
N SER A 203 12.02 16.11 -5.92
CA SER A 203 11.67 16.47 -7.29
C SER A 203 10.91 15.32 -7.96
N HIS A 204 11.24 14.07 -7.64
CA HIS A 204 10.47 12.98 -8.23
C HIS A 204 9.09 12.90 -7.60
N ILE A 205 9.00 13.15 -6.29
CA ILE A 205 7.68 13.26 -5.64
C ILE A 205 6.85 14.39 -6.27
N GLY A 206 7.45 15.57 -6.42
CA GLY A 206 6.74 16.65 -7.09
C GLY A 206 6.18 16.21 -8.44
N SER A 207 6.95 15.43 -9.19
CA SER A 207 6.48 15.02 -10.51
C SER A 207 5.39 13.98 -10.43
N LEU A 208 5.32 13.22 -9.34
CA LEU A 208 4.20 12.30 -9.10
C LEU A 208 2.96 13.06 -8.60
N ASN A 209 3.11 13.97 -7.64
CA ASN A 209 2.00 14.84 -7.28
C ASN A 209 1.34 15.40 -8.53
N TRP A 210 2.14 15.84 -9.48
CA TRP A 210 1.56 16.50 -10.63
C TRP A 210 1.09 15.55 -11.70
N GLY A 211 1.78 14.41 -11.87
CA GLY A 211 1.23 13.34 -12.68
C GLY A 211 -0.12 12.83 -12.20
N TYR A 212 -0.36 12.88 -10.90
CA TYR A 212 -1.66 12.48 -10.41
C TYR A 212 -2.73 13.54 -10.69
N LYS A 213 -2.44 14.83 -10.51
CA LYS A 213 -3.42 15.85 -10.87
C LYS A 213 -3.77 15.73 -12.36
N VAL A 214 -2.75 15.67 -13.21
CA VAL A 214 -2.95 15.49 -14.64
C VAL A 214 -3.89 14.34 -14.86
N ALA A 215 -3.55 13.19 -14.27
CA ALA A 215 -4.29 11.97 -14.55
C ALA A 215 -5.76 12.11 -14.17
N LEU A 216 -6.05 12.84 -13.09
CA LEU A 216 -7.44 13.09 -12.69
C LEU A 216 -8.12 13.99 -13.72
N ARG A 217 -7.43 15.06 -14.14
CA ARG A 217 -7.97 15.92 -15.18
C ARG A 217 -8.24 15.14 -16.47
N ASP A 218 -7.31 14.27 -16.87
CA ASP A 218 -7.46 13.53 -18.12
C ASP A 218 -8.61 12.52 -18.10
N ASN A 219 -9.05 12.11 -16.91
CA ASN A 219 -10.17 11.19 -16.76
C ASN A 219 -11.41 11.88 -16.19
N GLN A 220 -11.57 13.18 -16.43
CA GLN A 220 -12.81 13.88 -16.11
C GLN A 220 -13.17 13.68 -14.64
N VAL A 221 -12.15 13.45 -13.82
CA VAL A 221 -12.34 13.43 -12.37
C VAL A 221 -12.10 14.82 -11.80
N THR A 222 -12.98 15.23 -10.91
CA THR A 222 -12.85 16.47 -10.19
C THR A 222 -11.98 16.29 -8.96
N TYR A 223 -10.86 16.97 -8.93
CA TYR A 223 -9.99 16.97 -7.78
C TYR A 223 -10.25 18.22 -6.94
N LEU A 224 -10.38 18.03 -5.64
CA LEU A 224 -10.60 19.09 -4.68
C LEU A 224 -9.59 19.01 -3.55
N ASN A 225 -8.73 20.01 -3.42
CA ASN A 225 -7.82 20.08 -2.26
C ASN A 225 -8.65 20.60 -1.08
N ALA A 226 -9.44 19.69 -0.49
CA ALA A 226 -10.39 20.06 0.56
C ALA A 226 -10.53 18.91 1.55
N LYS A 227 -10.74 19.27 2.81
CA LYS A 227 -11.01 18.28 3.85
C LYS A 227 -12.46 17.86 3.72
N GLY A 228 -12.70 16.57 3.74
CA GLY A 228 -14.03 16.03 3.56
C GLY A 228 -14.52 15.45 4.92
N ARG A 229 -15.78 15.71 5.23
CA ARG A 229 -16.49 15.16 6.41
C ARG A 229 -17.83 14.59 5.92
N LEU A 230 -18.10 13.29 6.13
CA LEU A 230 -19.37 12.71 5.76
C LEU A 230 -20.37 13.02 6.87
N ILE A 231 -21.40 13.78 6.53
CA ILE A 231 -22.38 14.27 7.51
C ILE A 231 -23.64 13.42 7.42
N SER A 232 -23.93 12.88 6.23
CA SER A 232 -24.99 11.90 6.03
C SER A 232 -24.55 10.90 4.96
N PRO A 233 -25.25 9.78 4.80
CA PRO A 233 -24.78 8.74 3.86
C PRO A 233 -24.36 9.28 2.52
N HIS A 234 -25.10 10.25 1.97
CA HIS A 234 -24.82 10.77 0.65
C HIS A 234 -24.29 12.19 0.63
N GLU A 235 -24.02 12.79 1.80
CA GLU A 235 -23.63 14.19 1.89
C GLU A 235 -22.23 14.27 2.48
N VAL A 236 -21.37 15.06 1.83
CA VAL A 236 -20.00 15.28 2.28
C VAL A 236 -19.76 16.78 2.41
N GLN A 237 -19.41 17.22 3.58
CA GLN A 237 -19.06 18.61 3.81
C GLN A 237 -17.58 18.79 3.53
N ILE A 238 -17.26 19.77 2.70
CA ILE A 238 -15.89 20.07 2.34
C ILE A 238 -15.53 21.46 2.86
N THR A 239 -14.35 21.57 3.44
CA THR A 239 -13.76 22.84 3.84
C THR A 239 -12.47 22.98 3.04
N ASP A 240 -12.29 24.13 2.36
CA ASP A 240 -11.19 24.32 1.42
C ASP A 240 -10.04 25.09 2.07
N LYS A 241 -9.06 25.52 1.26
CA LYS A 241 -7.89 26.24 1.78
C LYS A 241 -8.22 27.66 2.23
N ASN A 242 -9.43 28.16 1.96
CA ASN A 242 -9.93 29.40 2.55
C ASN A 242 -10.74 29.17 3.82
N GLN A 243 -10.89 27.92 4.26
CA GLN A 243 -11.82 27.54 5.31
C GLN A 243 -13.27 27.80 4.89
N LYS A 244 -13.53 27.95 3.60
CA LYS A 244 -14.90 28.05 3.09
C LYS A 244 -15.59 26.69 3.14
N VAL A 245 -16.80 26.65 3.68
CA VAL A 245 -17.52 25.39 3.86
C VAL A 245 -18.66 25.29 2.86
N SER A 246 -18.76 24.09 2.26
CA SER A 246 -19.72 23.72 1.19
C SER A 246 -20.15 22.26 1.38
N THR A 247 -21.14 21.82 0.60
CA THR A 247 -21.68 20.47 0.68
C THR A 247 -21.83 19.91 -0.72
N ILE A 248 -21.53 18.62 -0.84
CA ILE A 248 -21.63 17.89 -2.11
C ILE A 248 -22.27 16.55 -1.84
N THR A 249 -22.86 15.99 -2.88
CA THR A 249 -23.58 14.72 -2.78
C THR A 249 -23.07 13.70 -3.79
N GLY A 250 -22.94 12.46 -3.32
CA GLY A 250 -22.58 11.35 -4.20
C GLY A 250 -23.46 10.15 -3.89
N ASN A 251 -23.64 9.30 -4.90
CA ASN A 251 -24.32 8.01 -4.67
C ASN A 251 -23.42 7.08 -3.83
N LYS A 252 -22.26 6.69 -4.37
CA LYS A 252 -21.30 5.86 -3.62
C LYS A 252 -20.22 6.71 -2.96
N ILE A 253 -19.78 6.30 -1.79
CA ILE A 253 -18.75 6.97 -1.04
C ILE A 253 -17.67 5.94 -0.76
N ILE A 254 -16.41 6.30 -1.03
CA ILE A 254 -15.27 5.45 -0.71
C ILE A 254 -14.43 6.24 0.26
N LEU A 255 -14.24 5.69 1.46
CA LEU A 255 -13.36 6.28 2.46
C LEU A 255 -11.99 5.65 2.28
N ALA A 256 -10.98 6.51 2.06
CA ALA A 256 -9.61 6.09 1.76
C ALA A 256 -8.61 7.10 2.34
N THR A 257 -8.77 7.44 3.63
CA THR A 257 -8.10 8.54 4.30
C THR A 257 -6.83 8.11 5.03
N GLY A 258 -6.53 6.81 5.09
CA GLY A 258 -5.28 6.33 5.65
C GLY A 258 -5.08 6.68 7.10
N GLU A 259 -3.80 6.77 7.50
CA GLU A 259 -3.43 6.91 8.90
C GLU A 259 -2.32 7.93 9.01
N ARG A 260 -1.98 8.31 10.22
CA ARG A 260 -0.86 9.20 10.44
C ARG A 260 -0.09 8.67 11.65
N PRO A 261 1.17 9.05 11.76
CA PRO A 261 2.02 8.45 12.80
C PRO A 261 1.53 8.79 14.20
N LYS A 262 1.78 7.89 15.11
CA LYS A 262 1.48 8.13 16.51
C LYS A 262 2.69 8.77 17.17
N TYR A 263 2.41 9.53 18.23
CA TYR A 263 3.52 9.94 19.07
C TYR A 263 3.36 9.28 20.43
N PRO A 264 4.43 9.00 21.14
CA PRO A 264 4.29 8.54 22.52
C PRO A 264 4.03 9.73 23.44
N GLU A 265 3.28 9.47 24.50
CA GLU A 265 2.82 10.53 25.40
C GLU A 265 3.90 10.75 26.44
N ILE A 266 4.93 11.47 26.02
CA ILE A 266 6.01 11.86 26.93
C ILE A 266 6.40 13.27 26.65
N PRO A 267 6.94 14.00 27.64
CA PRO A 267 7.27 15.42 27.45
C PRO A 267 8.28 15.56 26.33
N GLY A 268 8.05 16.52 25.46
CA GLY A 268 9.00 16.89 24.44
C GLY A 268 8.94 16.08 23.17
N ALA A 269 8.07 15.06 23.10
CA ALA A 269 8.00 14.22 21.90
C ALA A 269 7.37 14.96 20.72
N VAL A 270 6.21 15.57 20.92
CA VAL A 270 5.61 16.33 19.82
C VAL A 270 6.47 17.54 19.50
N GLU A 271 6.99 18.19 20.54
CA GLU A 271 7.67 19.46 20.35
C GLU A 271 9.03 19.28 19.66
N TYR A 272 9.82 18.27 20.06
CA TYR A 272 11.21 18.16 19.59
C TYR A 272 11.53 16.91 18.76
N GLY A 273 10.67 15.88 18.77
CA GLY A 273 10.87 14.74 17.91
C GLY A 273 10.24 14.92 16.51
N ILE A 274 10.53 13.97 15.62
CA ILE A 274 9.92 13.93 14.30
C ILE A 274 9.41 12.52 14.06
N THR A 275 8.64 12.36 12.98
CA THR A 275 8.22 11.09 12.45
C THR A 275 8.72 10.93 11.01
N SER A 276 8.42 9.76 10.43
CA SER A 276 8.64 9.53 9.00
C SER A 276 7.99 10.62 8.13
N ASP A 277 6.86 11.19 8.58
CA ASP A 277 6.21 12.26 7.82
C ASP A 277 7.14 13.46 7.57
N ASP A 278 8.04 13.72 8.52
CA ASP A 278 8.98 14.82 8.37
C ASP A 278 10.28 14.35 7.74
N LEU A 279 10.62 13.07 7.90
CA LEU A 279 11.97 12.64 7.61
C LEU A 279 12.33 12.92 6.16
N PHE A 280 11.38 12.67 5.25
CA PHE A 280 11.78 12.53 3.86
C PHE A 280 11.85 13.84 3.12
N SER A 281 11.44 14.93 3.77
CA SER A 281 11.62 16.29 3.26
C SER A 281 12.49 17.12 4.18
N LEU A 282 13.13 16.51 5.18
CA LEU A 282 13.91 17.25 6.17
C LEU A 282 14.94 18.13 5.47
N PRO A 283 15.00 19.42 5.77
CA PRO A 283 16.04 20.27 5.15
C PRO A 283 17.46 19.87 5.47
N TYR A 284 17.72 19.40 6.68
CA TYR A 284 19.06 19.22 7.21
C TYR A 284 19.35 17.75 7.45
N PHE A 285 20.64 17.38 7.43
CA PHE A 285 20.95 15.99 7.73
C PHE A 285 20.49 15.74 9.17
N PRO A 286 19.89 14.61 9.48
CA PRO A 286 19.50 14.36 10.87
C PRO A 286 20.68 14.33 11.78
N GLY A 287 21.81 13.87 11.29
CA GLY A 287 22.93 13.71 12.19
C GLY A 287 22.78 12.52 13.12
N LYS A 288 23.50 12.55 14.25
CA LYS A 288 23.40 11.46 15.22
C LYS A 288 21.94 11.30 15.60
N THR A 289 21.37 10.13 15.29
CA THR A 289 19.93 9.93 15.34
C THR A 289 19.57 8.76 16.24
N LEU A 290 18.48 8.94 16.95
CA LEU A 290 17.85 7.93 17.76
C LEU A 290 16.52 7.66 17.05
N VAL A 291 16.29 6.38 16.69
CA VAL A 291 15.01 5.94 16.18
C VAL A 291 14.33 5.19 17.30
N ILE A 292 13.14 5.60 17.68
CA ILE A 292 12.36 4.96 18.72
C ILE A 292 11.25 4.16 18.05
N GLY A 293 11.29 2.85 18.25
CA GLY A 293 10.37 1.91 17.64
C GLY A 293 11.11 0.75 17.01
N ALA A 294 10.28 -0.24 16.57
CA ALA A 294 10.78 -1.49 16.05
C ALA A 294 10.04 -1.99 14.81
N SER A 295 9.16 -1.18 14.26
CA SER A 295 8.38 -1.52 13.09
C SER A 295 9.32 -1.64 11.87
N TYR A 296 8.82 -2.18 10.79
CA TYR A 296 9.66 -2.20 9.61
C TYR A 296 10.03 -0.76 9.19
N VAL A 297 9.25 0.22 9.60
CA VAL A 297 9.53 1.63 9.33
C VAL A 297 10.77 2.07 10.09
N ALA A 298 10.86 1.67 11.36
CA ALA A 298 11.93 2.09 12.24
C ALA A 298 13.25 1.56 11.71
N LEU A 299 13.27 0.28 11.30
CA LEU A 299 14.50 -0.38 10.86
C LEU A 299 14.92 0.06 9.47
N GLU A 300 13.97 0.24 8.55
CA GLU A 300 14.24 0.84 7.24
C GLU A 300 14.91 2.23 7.37
N CYS A 301 14.37 3.07 8.20
CA CYS A 301 14.98 4.40 8.37
C CYS A 301 16.33 4.34 9.11
N ALA A 302 16.40 3.60 10.20
CA ALA A 302 17.69 3.47 10.88
C ALA A 302 18.69 2.93 9.88
N GLY A 303 18.19 2.03 9.01
CA GLY A 303 19.10 1.32 8.11
C GLY A 303 19.72 2.26 7.08
N PHE A 304 18.89 3.04 6.38
CA PHE A 304 19.60 3.85 5.37
C PHE A 304 20.36 5.02 5.97
N LEU A 305 19.89 5.57 7.10
CA LEU A 305 20.62 6.66 7.77
C LEU A 305 22.03 6.19 8.07
N ALA A 306 22.15 4.95 8.57
CA ALA A 306 23.48 4.41 8.87
C ALA A 306 24.29 4.19 7.60
N SER A 307 23.67 3.63 6.58
CA SER A 307 24.38 3.46 5.33
C SER A 307 24.74 4.81 4.73
N LEU A 308 24.01 5.85 5.06
CA LEU A 308 24.43 7.18 4.62
C LEU A 308 25.58 7.72 5.48
N GLY A 309 26.06 6.93 6.43
CA GLY A 309 27.13 7.39 7.29
C GLY A 309 26.68 7.97 8.62
N GLY A 310 25.39 8.02 8.90
CA GLY A 310 24.94 8.54 10.17
C GLY A 310 25.28 7.65 11.35
N ASP A 311 25.37 8.28 12.51
CA ASP A 311 25.52 7.58 13.80
C ASP A 311 24.11 7.28 14.29
N VAL A 312 23.73 6.01 14.27
CA VAL A 312 22.33 5.64 14.42
C VAL A 312 22.16 4.64 15.53
N THR A 313 21.12 4.87 16.31
CA THR A 313 20.72 4.06 17.45
C THR A 313 19.21 3.81 17.34
N VAL A 314 18.80 2.59 17.65
CA VAL A 314 17.40 2.19 17.65
C VAL A 314 17.00 1.78 19.04
N MET A 315 15.93 2.36 19.57
CA MET A 315 15.45 2.02 20.90
C MET A 315 14.32 1.03 20.76
N VAL A 316 14.50 -0.16 21.33
CA VAL A 316 13.56 -1.27 21.15
C VAL A 316 12.92 -1.59 22.48
N ARG A 317 11.62 -1.42 22.57
CA ARG A 317 10.90 -1.69 23.83
C ARG A 317 10.98 -3.17 24.16
N SER A 318 10.66 -4.04 23.21
CA SER A 318 10.67 -5.50 23.42
C SER A 318 11.31 -6.34 22.32
N ILE A 319 10.69 -6.51 21.16
CA ILE A 319 11.24 -7.31 20.05
C ILE A 319 11.20 -6.50 18.77
N LEU A 320 11.99 -6.91 17.80
CA LEU A 320 11.94 -6.38 16.45
C LEU A 320 10.81 -6.98 15.59
N LEU A 321 10.16 -6.13 14.79
CA LEU A 321 9.28 -6.55 13.71
C LEU A 321 8.21 -7.54 14.21
N ARG A 322 7.55 -7.16 15.29
CA ARG A 322 6.43 -7.92 15.82
C ARG A 322 5.40 -8.17 14.74
N GLY A 323 4.89 -9.36 14.67
CA GLY A 323 4.02 -9.74 13.57
C GLY A 323 4.71 -10.46 12.41
N PHE A 324 6.03 -10.33 12.28
CA PHE A 324 6.81 -11.04 11.26
C PHE A 324 7.49 -12.24 11.91
N ASP A 325 7.83 -13.20 11.09
CA ASP A 325 8.62 -14.35 11.51
C ASP A 325 9.84 -13.93 12.31
N GLN A 326 9.94 -14.39 13.57
CA GLN A 326 10.96 -13.83 14.47
C GLN A 326 12.36 -14.36 14.24
N GLN A 327 12.50 -15.57 13.70
CA GLN A 327 13.82 -15.97 13.24
C GLN A 327 14.35 -14.98 12.21
N MET A 328 13.49 -14.59 11.24
CA MET A 328 13.96 -13.68 10.20
C MET A 328 14.22 -12.28 10.80
N ALA A 329 13.33 -11.84 11.68
CA ALA A 329 13.50 -10.54 12.30
C ALA A 329 14.85 -10.44 12.99
N GLU A 330 15.26 -11.49 13.69
CA GLU A 330 16.54 -11.55 14.42
C GLU A 330 17.68 -11.50 13.41
N LYS A 331 17.56 -12.19 12.29
CA LYS A 331 18.62 -12.13 11.27
C LYS A 331 18.73 -10.74 10.66
N VAL A 332 17.60 -10.10 10.42
CA VAL A 332 17.59 -8.72 9.93
C VAL A 332 18.31 -7.82 10.92
N GLY A 333 17.93 -7.94 12.20
CA GLY A 333 18.51 -7.14 13.26
C GLY A 333 20.00 -7.36 13.42
N ASP A 334 20.39 -8.64 13.33
CA ASP A 334 21.79 -9.13 13.45
C ASP A 334 22.64 -8.47 12.36
N TYR A 335 22.15 -8.38 11.12
CA TYR A 335 22.93 -7.79 10.03
C TYR A 335 23.16 -6.29 10.28
N MET A 336 22.13 -5.58 10.75
CA MET A 336 22.22 -4.13 10.95
C MET A 336 23.17 -3.78 12.08
N GLU A 337 23.03 -4.47 13.22
CA GLU A 337 24.00 -4.36 14.31
C GLU A 337 25.43 -4.57 13.82
N ASN A 338 25.67 -5.60 12.99
CA ASN A 338 27.03 -5.80 12.50
C ASN A 338 27.39 -4.79 11.42
N HIS A 339 26.46 -3.97 10.93
CA HIS A 339 26.80 -2.95 9.95
C HIS A 339 26.51 -1.52 10.40
N GLY A 340 26.73 -1.21 11.68
CA GLY A 340 26.68 0.15 12.14
C GLY A 340 25.53 0.51 13.06
N VAL A 341 24.41 -0.17 13.01
CA VAL A 341 23.27 0.27 13.81
C VAL A 341 23.44 -0.24 15.23
N LYS A 342 23.35 0.68 16.17
CA LYS A 342 23.35 0.37 17.60
C LYS A 342 21.92 0.23 18.05
N PHE A 343 21.68 -0.70 18.95
CA PHE A 343 20.35 -1.09 19.43
C PHE A 343 20.42 -0.90 20.94
N ALA A 344 19.51 -0.09 21.49
CA ALA A 344 19.39 0.06 22.95
C ALA A 344 18.23 -0.85 23.29
N LYS A 345 18.54 -2.07 23.69
CA LYS A 345 17.55 -3.14 23.76
C LYS A 345 16.81 -3.05 25.08
N LEU A 346 15.52 -3.37 25.05
CA LEU A 346 14.63 -3.41 26.21
C LEU A 346 14.63 -2.14 27.04
N CYS A 347 14.27 -1.08 26.32
CA CYS A 347 14.51 0.30 26.73
C CYS A 347 13.33 1.09 26.22
N VAL A 348 12.83 2.00 27.04
CA VAL A 348 11.77 2.90 26.60
C VAL A 348 12.15 4.33 26.93
N PRO A 349 11.55 5.29 26.23
CA PRO A 349 11.81 6.70 26.50
C PRO A 349 10.88 7.23 27.57
N ASP A 350 11.39 8.16 28.39
CA ASP A 350 10.61 8.87 29.40
C ASP A 350 10.43 10.35 29.11
N GLU A 351 11.48 11.00 28.60
CA GLU A 351 11.32 12.39 28.18
C GLU A 351 12.39 12.74 27.16
N ILE A 352 12.01 13.69 26.31
CA ILE A 352 12.90 14.38 25.40
C ILE A 352 13.03 15.83 25.88
N LYS A 353 14.26 16.25 26.16
CA LYS A 353 14.56 17.61 26.58
C LYS A 353 15.38 18.25 25.47
N GLN A 354 15.00 19.46 25.10
CA GLN A 354 15.69 20.16 24.03
C GLN A 354 16.96 20.87 24.54
N LEU A 355 18.08 20.62 23.84
CA LEU A 355 19.35 21.28 24.11
C LEU A 355 19.72 22.30 23.07
N LYS A 356 19.24 22.17 21.84
CA LYS A 356 19.55 23.14 20.81
C LYS A 356 18.35 23.18 19.88
N VAL A 357 18.05 24.32 19.38
CA VAL A 357 16.92 24.53 18.50
C VAL A 357 17.36 24.31 17.07
N VAL A 358 16.42 23.82 16.25
CA VAL A 358 16.71 23.60 14.85
C VAL A 358 17.07 24.91 14.15
N ASP A 359 18.23 24.91 13.49
CA ASP A 359 18.74 26.09 12.81
C ASP A 359 18.21 26.17 11.39
N THR A 360 17.09 26.89 11.23
CA THR A 360 16.63 27.27 9.89
C THR A 360 17.72 28.03 9.12
N GLU A 361 18.48 28.86 9.83
CA GLU A 361 19.62 29.57 9.28
C GLU A 361 20.55 28.71 8.42
N ASN A 362 21.34 27.86 9.06
CA ASN A 362 22.36 27.06 8.39
C ASN A 362 21.90 25.64 8.01
N ASN A 363 20.61 25.34 8.15
CA ASN A 363 20.08 23.98 7.98
C ASN A 363 20.97 22.94 8.64
N LYS A 364 20.89 22.91 9.96
CA LYS A 364 21.62 21.95 10.75
C LYS A 364 20.63 21.54 11.82
N PRO A 365 20.73 20.31 12.30
CA PRO A 365 19.76 19.85 13.31
C PRO A 365 19.99 20.60 14.60
N GLY A 366 19.00 20.56 15.49
CA GLY A 366 19.22 20.96 16.87
C GLY A 366 19.97 19.86 17.64
N LEU A 367 19.58 19.68 18.90
CA LEU A 367 20.22 18.73 19.79
C LEU A 367 19.23 18.41 20.89
N LEU A 368 19.14 17.13 21.25
CA LEU A 368 18.19 16.65 22.21
C LEU A 368 18.89 15.77 23.22
N LEU A 369 18.38 15.78 24.43
CA LEU A 369 18.71 14.82 25.46
C LEU A 369 17.51 13.89 25.59
N VAL A 370 17.70 12.61 25.31
CA VAL A 370 16.69 11.57 25.52
C VAL A 370 16.98 10.93 26.86
N LYS A 371 16.01 10.92 27.74
CA LYS A 371 16.11 10.23 29.02
C LYS A 371 15.18 9.02 28.93
N GLY A 372 15.69 7.86 29.31
CA GLY A 372 14.89 6.66 29.32
C GLY A 372 15.35 5.69 30.39
N HIS A 373 14.75 4.50 30.40
CA HIS A 373 15.15 3.48 31.35
C HIS A 373 15.13 2.11 30.68
N TYR A 374 16.14 1.33 30.99
CA TYR A 374 16.15 -0.05 30.56
C TYR A 374 15.31 -0.89 31.51
N THR A 375 14.99 -2.11 31.03
CA THR A 375 14.26 -3.07 31.87
C THR A 375 15.03 -3.41 33.12
N ASP A 376 16.36 -3.48 33.00
CA ASP A 376 17.23 -3.81 34.14
C ASP A 376 17.39 -2.62 35.14
N GLY A 377 16.66 -1.52 34.92
CA GLY A 377 16.61 -0.43 35.86
C GLY A 377 17.68 0.60 35.64
N LYS A 378 18.69 0.29 34.85
CA LYS A 378 19.68 1.33 34.55
C LYS A 378 19.02 2.40 33.70
N LYS A 379 19.53 3.62 33.83
CA LYS A 379 18.92 4.76 33.17
C LYS A 379 19.60 4.97 31.83
N PHE A 380 18.80 5.31 30.84
CA PHE A 380 19.26 5.72 29.52
C PHE A 380 19.31 7.24 29.52
N GLU A 381 20.43 7.80 29.10
CA GLU A 381 20.52 9.24 28.95
C GLU A 381 21.58 9.56 27.91
N GLU A 382 21.18 10.07 26.78
CA GLU A 382 22.16 10.23 25.72
C GLU A 382 21.69 11.40 24.87
N GLU A 383 22.67 12.01 24.18
CA GLU A 383 22.39 13.10 23.25
C GLU A 383 22.20 12.62 21.82
N PHE A 384 21.24 13.22 21.12
CA PHE A 384 20.97 12.92 19.73
C PHE A 384 20.60 14.23 19.03
N GLU A 385 21.08 14.39 17.82
CA GLU A 385 20.68 15.58 17.07
C GLU A 385 19.28 15.48 16.54
N THR A 386 18.82 14.26 16.31
CA THR A 386 17.50 13.99 15.80
C THR A 386 16.94 12.77 16.49
N VAL A 387 15.65 12.79 16.75
CA VAL A 387 14.92 11.70 17.36
C VAL A 387 13.67 11.42 16.55
N ILE A 388 13.53 10.18 16.09
CA ILE A 388 12.45 9.82 15.18
C ILE A 388 11.60 8.75 15.81
N PHE A 389 10.28 9.02 15.87
CA PHE A 389 9.28 8.08 16.37
C PHE A 389 8.69 7.28 15.22
N ALA A 390 8.76 5.96 15.32
CA ALA A 390 8.02 5.03 14.45
C ALA A 390 7.42 4.00 15.38
N VAL A 391 6.46 4.40 16.19
CA VAL A 391 5.83 3.58 17.22
C VAL A 391 4.40 3.23 16.81
N GLY A 392 4.13 3.29 15.52
CA GLY A 392 2.94 2.82 14.88
C GLY A 392 2.23 4.00 14.25
N ARG A 393 0.98 3.78 13.81
CA ARG A 393 0.19 4.67 12.97
C ARG A 393 -1.30 4.44 13.26
N GLU A 394 -2.08 5.52 13.17
CA GLU A 394 -3.47 5.42 13.58
C GLU A 394 -4.38 6.23 12.66
N PRO A 395 -5.60 5.73 12.42
CA PRO A 395 -6.53 6.49 11.58
C PRO A 395 -7.09 7.69 12.35
N GLN A 396 -7.59 8.65 11.60
CA GLN A 396 -8.00 9.93 12.18
C GLN A 396 -9.47 10.20 11.84
N LEU A 397 -10.33 9.18 12.04
CA LEU A 397 -11.63 9.18 11.38
C LEU A 397 -12.67 10.01 12.11
N SER A 398 -12.55 10.13 13.43
CA SER A 398 -13.37 11.08 14.17
C SER A 398 -13.45 12.41 13.45
N LYS A 399 -12.38 12.81 12.76
CA LYS A 399 -12.32 14.04 11.99
C LYS A 399 -12.95 13.91 10.61
N VAL A 400 -13.70 12.84 10.35
CA VAL A 400 -14.17 12.57 9.01
C VAL A 400 -15.57 11.98 9.00
N LEU A 401 -15.89 11.25 10.05
CA LEU A 401 -17.18 10.59 10.19
C LEU A 401 -18.00 11.23 11.31
N CYS A 402 -18.97 12.04 10.94
CA CYS A 402 -19.91 12.49 11.97
C CYS A 402 -20.48 11.13 12.38
N GLU A 403 -20.24 10.72 13.60
CA GLU A 403 -20.60 9.38 14.05
C GLU A 403 -22.11 9.21 14.13
N THR A 404 -22.83 10.28 13.79
CA THR A 404 -24.25 10.18 13.50
C THR A 404 -24.52 9.22 12.37
N VAL A 405 -23.58 9.11 11.43
CA VAL A 405 -23.94 8.51 10.16
C VAL A 405 -24.02 7.01 10.27
N GLY A 406 -23.46 6.40 11.30
CA GLY A 406 -23.56 4.97 11.49
C GLY A 406 -22.47 4.10 10.86
N VAL A 407 -21.34 4.68 10.49
CA VAL A 407 -20.22 3.87 10.01
C VAL A 407 -19.52 3.28 11.23
N LYS A 408 -19.67 1.97 11.42
CA LYS A 408 -19.11 1.27 12.58
C LYS A 408 -17.58 1.22 12.52
N LEU A 409 -16.92 1.76 13.55
CA LEU A 409 -15.50 1.60 13.75
C LEU A 409 -15.26 0.50 14.79
N ASP A 410 -14.02 0.10 14.90
CA ASP A 410 -13.59 -0.89 15.87
C ASP A 410 -12.85 -0.18 17.00
N LYS A 411 -12.34 -1.00 17.94
CA LYS A 411 -11.44 -0.57 19.00
C LYS A 411 -10.42 0.49 18.55
N ASN A 412 -9.64 0.17 17.50
CA ASN A 412 -8.50 0.96 17.06
C ASN A 412 -8.88 2.12 16.17
N GLY A 413 -10.17 2.33 15.92
CA GLY A 413 -10.59 3.44 15.08
C GLY A 413 -10.69 3.15 13.60
N ARG A 414 -10.53 1.88 13.20
CA ARG A 414 -10.65 1.45 11.81
C ARG A 414 -12.06 0.97 11.51
N VAL A 415 -12.36 0.86 10.21
CA VAL A 415 -13.71 0.67 9.72
C VAL A 415 -13.99 -0.81 9.58
N VAL A 416 -15.11 -1.25 10.15
CA VAL A 416 -15.49 -2.64 10.07
C VAL A 416 -16.18 -2.89 8.74
N CYS A 417 -15.66 -3.84 7.96
CA CYS A 417 -16.07 -4.01 6.58
C CYS A 417 -16.44 -5.46 6.28
N THR A 418 -17.34 -5.62 5.35
CA THR A 418 -17.55 -6.90 4.76
C THR A 418 -16.44 -7.22 3.77
N ASP A 419 -16.46 -8.45 3.28
CA ASP A 419 -15.44 -8.95 2.36
CA ASP A 419 -15.39 -8.90 2.39
C ASP A 419 -15.44 -8.22 1.03
N ASP A 420 -16.43 -7.38 0.78
CA ASP A 420 -16.45 -6.55 -0.42
C ASP A 420 -16.26 -5.08 -0.08
N GLU A 421 -15.62 -4.79 1.04
CA GLU A 421 -15.30 -3.44 1.45
C GLU A 421 -16.49 -2.62 1.92
N GLN A 422 -17.69 -3.17 2.01
CA GLN A 422 -18.84 -2.37 2.42
C GLN A 422 -18.78 -2.06 3.90
N THR A 423 -19.01 -0.79 4.25
CA THR A 423 -19.15 -0.45 5.66
C THR A 423 -20.57 -0.78 6.13
N THR A 424 -20.93 -0.33 7.34
CA THR A 424 -22.28 -0.53 7.86
C THR A 424 -23.31 0.41 7.24
N VAL A 425 -22.89 1.43 6.52
CA VAL A 425 -23.75 2.27 5.69
C VAL A 425 -23.60 1.74 4.27
N SER A 426 -24.68 1.31 3.65
CA SER A 426 -24.55 0.40 2.53
C SER A 426 -23.94 1.02 1.27
N ASN A 427 -24.04 2.34 1.08
CA ASN A 427 -23.42 3.01 -0.06
C ASN A 427 -21.98 3.46 0.19
N VAL A 428 -21.43 3.18 1.38
CA VAL A 428 -20.15 3.69 1.83
C VAL A 428 -19.18 2.54 2.01
N TYR A 429 -18.06 2.61 1.31
CA TYR A 429 -17.03 1.61 1.37
C TYR A 429 -15.74 2.17 1.96
N ALA A 430 -14.94 1.25 2.48
CA ALA A 430 -13.66 1.60 3.07
C ALA A 430 -12.55 0.74 2.46
N ILE A 431 -11.46 1.40 2.03
CA ILE A 431 -10.30 0.73 1.44
C ILE A 431 -9.01 1.22 2.06
N GLY A 432 -7.95 0.45 1.86
CA GLY A 432 -6.63 0.88 2.29
C GLY A 432 -6.40 0.60 3.77
N ASP A 433 -5.58 1.46 4.39
CA ASP A 433 -5.11 1.20 5.74
C ASP A 433 -6.22 1.28 6.78
N ILE A 434 -7.35 1.93 6.48
CA ILE A 434 -8.37 2.12 7.51
C ILE A 434 -9.38 0.97 7.54
N ASN A 435 -9.23 -0.01 6.67
CA ASN A 435 -10.13 -1.14 6.59
C ASN A 435 -9.61 -2.16 7.59
N ALA A 436 -10.32 -2.32 8.70
CA ALA A 436 -9.85 -3.14 9.81
C ALA A 436 -9.48 -4.55 9.38
N GLY A 437 -8.32 -5.02 9.86
CA GLY A 437 -7.91 -6.40 9.67
C GLY A 437 -7.20 -6.72 8.36
N LYS A 438 -7.03 -5.80 7.52
CA LYS A 438 -6.37 -6.08 6.26
C LYS A 438 -4.91 -5.64 6.28
N PRO A 439 -4.09 -6.29 5.45
CA PRO A 439 -2.67 -5.90 5.36
C PRO A 439 -2.56 -4.47 4.90
N GLN A 440 -1.64 -3.72 5.51
CA GLN A 440 -1.55 -2.27 5.31
C GLN A 440 -0.41 -1.95 4.34
N LEU A 441 -0.76 -2.02 3.04
CA LEU A 441 0.20 -1.99 1.95
C LEU A 441 -0.41 -1.33 0.73
N THR A 442 0.41 -0.64 -0.01
CA THR A 442 -0.10 0.17 -1.13
C THR A 442 -0.72 -0.69 -2.23
N PRO A 443 -0.09 -1.78 -2.66
CA PRO A 443 -0.73 -2.58 -3.73
C PRO A 443 -2.05 -3.22 -3.30
N VAL A 444 -2.20 -3.57 -2.02
CA VAL A 444 -3.49 -4.04 -1.54
C VAL A 444 -4.55 -2.98 -1.73
N ALA A 445 -4.27 -1.76 -1.22
CA ALA A 445 -5.18 -0.65 -1.38
C ALA A 445 -5.52 -0.40 -2.85
N ILE A 446 -4.55 -0.58 -3.76
CA ILE A 446 -4.83 -0.30 -5.18
C ILE A 446 -5.76 -1.37 -5.79
N GLN A 447 -5.45 -2.65 -5.55
CA GLN A 447 -6.34 -3.71 -6.02
C GLN A 447 -7.72 -3.61 -5.36
N ALA A 448 -7.77 -3.27 -4.08
CA ALA A 448 -9.07 -3.11 -3.46
C ALA A 448 -9.88 -2.02 -4.17
N GLY A 449 -9.29 -0.83 -4.33
CA GLY A 449 -10.01 0.24 -4.95
C GLY A 449 -10.41 -0.05 -6.37
N ARG A 450 -9.50 -0.59 -7.18
CA ARG A 450 -9.86 -0.86 -8.58
C ARG A 450 -10.94 -1.94 -8.66
N TYR A 451 -10.74 -3.04 -7.94
CA TYR A 451 -11.70 -4.13 -8.00
C TYR A 451 -13.08 -3.65 -7.49
N LEU A 452 -13.09 -2.85 -6.42
CA LEU A 452 -14.35 -2.34 -5.91
C LEU A 452 -15.01 -1.43 -6.93
N ALA A 453 -14.22 -0.64 -7.64
CA ALA A 453 -14.81 0.28 -8.60
C ALA A 453 -15.48 -0.47 -9.72
N ARG A 454 -14.97 -1.65 -10.06
CA ARG A 454 -15.56 -2.43 -11.12
C ARG A 454 -16.86 -3.10 -10.70
N ARG A 455 -16.98 -3.43 -9.41
CA ARG A 455 -18.22 -4.01 -8.89
C ARG A 455 -19.33 -2.97 -8.84
N LEU A 456 -18.99 -1.76 -8.42
CA LEU A 456 -19.93 -0.67 -8.34
C LEU A 456 -20.47 -0.29 -9.71
N PHE A 457 -19.60 -0.26 -10.74
CA PHE A 457 -19.90 0.51 -11.92
C PHE A 457 -19.73 -0.24 -13.23
N ALA A 458 -19.36 -1.50 -13.19
CA ALA A 458 -19.30 -2.33 -14.38
C ALA A 458 -19.77 -3.75 -14.08
N GLY A 459 -20.50 -3.99 -13.00
CA GLY A 459 -21.05 -5.30 -12.76
C GLY A 459 -20.05 -6.40 -12.47
N ALA A 460 -18.79 -6.07 -12.21
CA ALA A 460 -17.81 -7.10 -11.90
C ALA A 460 -18.24 -7.87 -10.66
N THR A 461 -17.70 -9.08 -10.53
CA THR A 461 -17.90 -9.87 -9.32
C THR A 461 -16.64 -10.16 -8.50
N GLU A 462 -15.44 -10.09 -9.08
CA GLU A 462 -14.27 -10.56 -8.37
C GLU A 462 -14.02 -9.68 -7.15
N LEU A 463 -13.78 -10.32 -6.03
CA LEU A 463 -13.34 -9.67 -4.80
C LEU A 463 -11.84 -9.65 -4.77
N THR A 464 -11.29 -8.79 -3.90
CA THR A 464 -9.88 -8.78 -3.59
C THR A 464 -9.55 -9.90 -2.60
N ASP A 465 -8.48 -10.62 -2.91
CA ASP A 465 -7.98 -11.72 -2.09
C ASP A 465 -6.87 -11.16 -1.20
N TYR A 466 -7.12 -11.11 0.11
CA TYR A 466 -6.17 -10.58 1.08
C TYR A 466 -5.26 -11.64 1.68
N SER A 467 -5.38 -12.88 1.24
CA SER A 467 -4.60 -13.95 1.80
C SER A 467 -3.24 -14.10 1.07
N ASN A 468 -2.23 -14.50 1.86
CA ASN A 468 -0.88 -14.77 1.31
C ASN A 468 -0.31 -13.57 0.56
N VAL A 469 -0.51 -12.36 1.09
CA VAL A 469 -0.03 -11.16 0.41
C VAL A 469 1.45 -11.02 0.73
N ALA A 470 2.32 -11.06 -0.29
CA ALA A 470 3.76 -10.99 -0.07
C ALA A 470 4.10 -9.58 0.45
N THR A 471 5.21 -9.50 1.18
CA THR A 471 5.75 -8.26 1.69
C THR A 471 7.25 -8.20 1.44
N THR A 472 7.80 -6.99 1.51
CA THR A 472 9.23 -6.85 1.59
C THR A 472 9.64 -5.71 2.49
N VAL A 473 10.54 -6.02 3.40
CA VAL A 473 11.07 -5.04 4.30
C VAL A 473 12.42 -4.60 3.77
N PHE A 474 12.57 -3.28 3.53
CA PHE A 474 13.73 -2.74 2.82
C PHE A 474 14.80 -2.26 3.77
N THR A 475 15.17 -3.13 4.69
CA THR A 475 16.31 -2.93 5.54
C THR A 475 17.62 -3.09 4.75
N PRO A 476 18.76 -2.77 5.36
CA PRO A 476 20.02 -2.80 4.60
C PRO A 476 20.24 -4.10 3.88
N LEU A 477 19.89 -5.20 4.55
CA LEU A 477 19.68 -6.48 3.94
C LEU A 477 18.17 -6.75 3.91
N GLU A 478 17.61 -6.92 2.72
CA GLU A 478 16.17 -6.98 2.56
C GLU A 478 15.59 -8.33 2.98
N TYR A 479 14.33 -8.25 3.41
CA TYR A 479 13.62 -9.43 3.87
C TYR A 479 12.27 -9.45 3.17
N GLY A 480 12.08 -10.44 2.31
CA GLY A 480 10.81 -10.67 1.66
C GLY A 480 10.13 -11.90 2.21
N ALA A 481 8.79 -11.90 2.21
CA ALA A 481 8.03 -12.99 2.78
C ALA A 481 6.70 -13.08 2.07
N CYS A 482 6.21 -14.32 1.96
CA CYS A 482 4.87 -14.57 1.46
C CYS A 482 4.29 -15.67 2.32
N GLY A 483 3.19 -15.36 3.04
CA GLY A 483 2.45 -16.39 3.74
C GLY A 483 2.85 -16.46 5.19
N LEU A 484 2.75 -17.63 5.79
CA LEU A 484 2.85 -17.70 7.24
C LEU A 484 4.31 -17.70 7.71
N SER A 485 4.55 -17.06 8.84
CA SER A 485 5.78 -17.29 9.59
C SER A 485 5.81 -18.73 10.05
N GLU A 486 7.02 -19.19 10.37
CA GLU A 486 7.16 -20.52 10.93
C GLU A 486 6.37 -20.68 12.23
N GLU A 487 6.39 -19.68 13.13
CA GLU A 487 5.70 -19.87 14.41
C GLU A 487 4.18 -19.98 14.20
N ASP A 488 3.63 -19.21 13.26
CA ASP A 488 2.18 -19.25 13.07
C ASP A 488 1.73 -20.56 12.43
N ALA A 489 2.59 -21.17 11.61
CA ALA A 489 2.20 -22.44 10.99
C ALA A 489 2.21 -23.56 12.00
N ILE A 490 3.17 -23.51 12.93
CA ILE A 490 3.21 -24.48 14.02
C ILE A 490 2.04 -24.25 14.97
N GLU A 491 1.68 -22.99 15.20
CA GLU A 491 0.52 -22.74 16.05
C GLU A 491 -0.73 -23.31 15.39
N LYS A 492 -0.88 -23.12 14.09
CA LYS A 492 -2.15 -23.50 13.49
C LYS A 492 -2.24 -25.00 13.24
N TYR A 493 -1.14 -25.64 12.93
CA TYR A 493 -1.17 -27.02 12.52
C TYR A 493 -0.41 -27.97 13.43
N GLY A 494 0.37 -27.44 14.36
CA GLY A 494 1.11 -28.28 15.25
C GLY A 494 2.47 -28.63 14.72
N ASP A 495 3.41 -28.74 15.62
CA ASP A 495 4.79 -28.90 15.21
C ASP A 495 5.01 -30.11 14.33
N LYS A 496 4.31 -31.22 14.56
CA LYS A 496 4.69 -32.43 13.85
C LYS A 496 4.11 -32.44 12.45
N ASP A 497 3.19 -31.55 12.15
CA ASP A 497 2.70 -31.42 10.80
C ASP A 497 3.50 -30.40 9.95
N ILE A 498 4.62 -29.88 10.44
CA ILE A 498 5.31 -28.81 9.73
C ILE A 498 6.73 -29.24 9.41
N GLU A 499 7.09 -29.17 8.13
CA GLU A 499 8.45 -29.35 7.66
C GLU A 499 9.01 -28.03 7.14
N VAL A 500 10.25 -27.72 7.50
CA VAL A 500 10.87 -26.47 7.13
C VAL A 500 12.19 -26.79 6.42
N TYR A 501 12.26 -26.43 5.13
CA TYR A 501 13.48 -26.51 4.36
C TYR A 501 14.17 -25.16 4.38
N HIS A 502 15.45 -25.15 4.59
CA HIS A 502 16.12 -23.88 4.60
C HIS A 502 17.52 -24.01 4.03
N SER A 503 18.15 -22.85 3.77
CA SER A 503 19.51 -22.78 3.31
C SER A 503 20.05 -21.36 3.46
N ASN A 504 21.29 -21.26 3.88
CA ASN A 504 22.08 -20.07 3.61
C ASN A 504 22.43 -20.02 2.12
N PHE A 505 22.82 -18.82 1.69
CA PHE A 505 23.35 -18.61 0.35
C PHE A 505 24.19 -17.34 0.35
N LYS A 506 24.91 -17.15 -0.75
CA LYS A 506 25.79 -16.02 -0.93
C LYS A 506 25.67 -15.44 -2.33
N PRO A 507 25.16 -14.23 -2.47
CA PRO A 507 25.15 -13.58 -3.78
C PRO A 507 26.53 -13.69 -4.40
N LEU A 508 26.55 -14.11 -5.66
CA LEU A 508 27.78 -14.07 -6.45
C LEU A 508 28.45 -12.69 -6.36
N GLU A 509 27.63 -11.64 -6.35
CA GLU A 509 28.15 -10.27 -6.27
C GLU A 509 28.95 -10.02 -4.99
N TRP A 510 28.74 -10.81 -3.94
CA TRP A 510 29.36 -10.58 -2.66
C TRP A 510 30.72 -11.25 -2.55
N THR A 511 31.10 -12.10 -3.52
CA THR A 511 32.33 -12.88 -3.39
C THR A 511 33.54 -11.99 -3.62
N VAL A 512 33.69 -11.47 -4.83
CA VAL A 512 34.82 -10.56 -5.11
C VAL A 512 34.77 -9.39 -4.14
N ALA A 513 33.58 -9.03 -3.71
CA ALA A 513 33.42 -7.91 -2.80
C ALA A 513 33.73 -8.25 -1.33
N HIS A 514 34.05 -9.52 -1.01
CA HIS A 514 34.45 -9.88 0.35
C HIS A 514 33.32 -9.61 1.38
N ARG A 515 32.07 -9.82 1.00
CA ARG A 515 30.99 -9.75 1.97
C ARG A 515 30.76 -11.13 2.58
N GLU A 516 29.71 -11.20 3.42
CA GLU A 516 29.56 -12.32 4.35
C GLU A 516 29.11 -13.61 3.67
N ASP A 517 29.78 -14.71 4.00
CA ASP A 517 29.20 -16.03 3.79
C ASP A 517 28.12 -16.24 4.84
N ASN A 518 27.14 -17.06 4.47
CA ASN A 518 26.17 -17.63 5.42
C ASN A 518 25.45 -16.58 6.24
N VAL A 519 25.17 -15.42 5.63
CA VAL A 519 24.28 -14.45 6.21
C VAL A 519 22.92 -14.44 5.52
N CYS A 520 22.91 -14.34 4.19
CA CYS A 520 21.65 -14.44 3.46
C CYS A 520 21.08 -15.83 3.66
N TYR A 521 19.75 -15.93 3.59
CA TYR A 521 19.10 -17.11 4.13
C TYR A 521 17.71 -17.19 3.56
N MET A 522 17.22 -18.41 3.42
CA MET A 522 15.89 -18.58 2.88
C MET A 522 15.26 -19.87 3.42
N LYS A 523 13.92 -19.88 3.45
CA LYS A 523 13.29 -21.09 3.94
C LYS A 523 11.87 -21.21 3.41
N LEU A 524 11.45 -22.47 3.21
CA LEU A 524 10.08 -22.84 2.92
C LEU A 524 9.47 -23.57 4.11
N VAL A 525 8.31 -23.08 4.58
CA VAL A 525 7.53 -23.67 5.67
C VAL A 525 6.41 -24.45 5.01
N CYS A 526 6.38 -25.77 5.24
CA CYS A 526 5.49 -26.62 4.50
C CYS A 526 4.68 -27.49 5.45
N ARG A 527 3.54 -27.96 4.91
CA ARG A 527 2.59 -28.81 5.64
C ARG A 527 2.78 -30.25 5.16
N LYS A 528 3.42 -31.06 6.02
CA LYS A 528 3.60 -32.49 5.75
C LYS A 528 2.27 -33.12 5.40
N SER A 529 1.24 -32.86 6.20
CA SER A 529 -0.05 -33.49 5.98
C SER A 529 -0.76 -33.05 4.70
N ASP A 530 -0.35 -31.97 4.04
CA ASP A 530 -1.06 -31.48 2.85
C ASP A 530 -0.14 -31.46 1.63
N ASN A 531 0.62 -32.55 1.46
CA ASN A 531 1.45 -32.72 0.29
C ASN A 531 2.66 -31.76 0.27
N MET A 532 3.12 -31.34 1.44
CA MET A 532 4.23 -30.44 1.56
C MET A 532 3.89 -29.10 0.89
N ARG A 533 2.60 -28.73 0.95
CA ARG A 533 2.09 -27.42 0.56
C ARG A 533 2.94 -26.31 1.16
N VAL A 534 3.38 -25.40 0.32
CA VAL A 534 4.23 -24.32 0.81
C VAL A 534 3.34 -23.32 1.52
N LEU A 535 3.47 -23.23 2.84
CA LEU A 535 2.62 -22.33 3.61
C LEU A 535 3.23 -20.96 3.84
N GLY A 536 4.57 -20.85 3.80
CA GLY A 536 5.23 -19.57 3.96
C GLY A 536 6.61 -19.61 3.34
N LEU A 537 6.95 -18.58 2.60
CA LEU A 537 8.27 -18.43 1.99
C LEU A 537 8.93 -17.20 2.57
N HIS A 538 10.22 -17.32 2.91
CA HIS A 538 10.99 -16.29 3.62
C HIS A 538 12.39 -16.21 3.01
N VAL A 539 12.84 -15.00 2.68
CA VAL A 539 14.15 -14.83 2.08
C VAL A 539 14.80 -13.53 2.58
N LEU A 540 16.05 -13.63 2.99
CA LEU A 540 16.82 -12.53 3.48
C LEU A 540 18.00 -12.44 2.52
N GLY A 541 18.11 -11.32 1.80
CA GLY A 541 19.17 -11.12 0.84
C GLY A 541 18.84 -9.96 -0.08
N PRO A 542 19.76 -9.65 -0.97
CA PRO A 542 19.57 -8.52 -1.87
C PRO A 542 18.43 -8.72 -2.83
N ASN A 543 17.74 -7.67 -3.16
CA ASN A 543 16.67 -7.74 -4.13
C ASN A 543 15.55 -8.67 -3.68
N ALA A 544 15.26 -8.66 -2.36
CA ALA A 544 14.36 -9.68 -1.82
C ALA A 544 12.94 -9.52 -2.34
N GLY A 545 12.57 -8.30 -2.74
CA GLY A 545 11.26 -8.11 -3.34
C GLY A 545 11.19 -8.67 -4.75
N GLU A 546 12.20 -8.40 -5.58
CA GLU A 546 12.20 -9.02 -6.89
C GLU A 546 12.15 -10.55 -6.75
N ILE A 547 12.89 -11.08 -5.77
CA ILE A 547 12.95 -12.54 -5.61
C ILE A 547 11.57 -13.10 -5.29
N THR A 548 10.92 -12.52 -4.29
CA THR A 548 9.73 -13.07 -3.69
C THR A 548 8.53 -12.94 -4.61
N GLN A 549 8.44 -11.82 -5.37
CA GLN A 549 7.17 -11.51 -6.05
C GLN A 549 6.63 -12.71 -6.87
N GLY A 550 7.47 -13.24 -7.76
CA GLY A 550 7.05 -14.34 -8.63
C GLY A 550 6.47 -15.50 -7.87
N TYR A 551 7.13 -15.89 -6.78
CA TYR A 551 6.71 -17.04 -5.97
C TYR A 551 5.32 -16.81 -5.33
N ALA A 552 4.92 -15.56 -5.11
CA ALA A 552 3.58 -15.28 -4.58
C ALA A 552 2.47 -15.73 -5.55
N VAL A 553 2.77 -15.80 -6.85
CA VAL A 553 1.79 -16.33 -7.78
C VAL A 553 1.64 -17.83 -7.59
N ALA A 554 2.75 -18.52 -7.45
CA ALA A 554 2.71 -19.97 -7.33
C ALA A 554 2.03 -20.38 -6.04
N ILE A 555 2.37 -19.69 -4.97
CA ILE A 555 1.78 -19.93 -3.67
C ILE A 555 0.26 -19.70 -3.73
N LYS A 556 -0.16 -18.60 -4.34
CA LYS A 556 -1.59 -18.39 -4.46
C LYS A 556 -2.23 -19.55 -5.23
N MET A 557 -1.46 -20.18 -6.11
CA MET A 557 -1.91 -21.36 -6.84
C MET A 557 -1.75 -22.65 -6.06
N GLY A 558 -1.25 -22.65 -4.84
CA GLY A 558 -1.18 -23.88 -4.08
C GLY A 558 0.12 -24.62 -4.22
N ALA A 559 1.23 -23.91 -4.46
CA ALA A 559 2.49 -24.56 -4.69
C ALA A 559 2.85 -25.44 -3.52
N THR A 560 3.40 -26.61 -3.84
CA THR A 560 4.03 -27.56 -2.94
C THR A 560 5.54 -27.53 -3.13
N LYS A 561 6.26 -28.22 -2.23
CA LYS A 561 7.70 -28.35 -2.35
C LYS A 561 8.07 -28.95 -3.71
N ALA A 562 7.30 -29.93 -4.18
CA ALA A 562 7.66 -30.59 -5.43
C ALA A 562 7.56 -29.66 -6.62
N ASP A 563 6.63 -28.71 -6.58
CA ASP A 563 6.58 -27.69 -7.62
C ASP A 563 7.87 -26.86 -7.61
N PHE A 564 8.39 -26.53 -6.46
CA PHE A 564 9.66 -25.80 -6.46
C PHE A 564 10.78 -26.66 -7.02
N ASP A 565 10.84 -27.93 -6.60
CA ASP A 565 11.97 -28.79 -6.97
C ASP A 565 12.04 -29.07 -8.47
N ARG A 566 10.90 -29.27 -9.13
CA ARG A 566 10.97 -29.58 -10.54
C ARG A 566 11.11 -28.35 -11.44
N THR A 567 10.96 -27.15 -10.89
CA THR A 567 11.39 -25.96 -11.59
C THR A 567 12.93 -25.89 -11.61
N ILE A 568 13.47 -25.49 -12.78
CA ILE A 568 14.91 -25.38 -12.99
C ILE A 568 15.35 -23.96 -12.65
N GLY A 569 16.48 -23.86 -11.95
CA GLY A 569 16.96 -22.55 -11.58
C GLY A 569 17.46 -21.78 -12.78
N ILE A 570 17.47 -20.43 -12.62
CA ILE A 570 18.30 -19.53 -13.44
C ILE A 570 19.64 -19.27 -12.74
N HIS A 571 20.72 -19.44 -13.49
CA HIS A 571 22.03 -19.31 -12.91
C HIS A 571 22.85 -18.25 -13.63
N PRO A 572 23.53 -17.36 -12.91
CA PRO A 572 23.57 -17.24 -11.46
C PRO A 572 22.69 -16.14 -10.84
N THR A 573 21.87 -16.58 -9.90
CA THR A 573 20.92 -15.71 -9.22
C THR A 573 20.87 -16.16 -7.76
N CYS A 574 20.46 -15.24 -6.88
CA CYS A 574 20.03 -15.63 -5.55
C CYS A 574 18.75 -16.48 -5.59
N SER A 575 17.77 -16.09 -6.43
CA SER A 575 16.48 -16.75 -6.36
C SER A 575 16.52 -18.27 -6.67
N GLU A 576 17.46 -18.72 -7.50
CA GLU A 576 17.52 -20.10 -7.93
C GLU A 576 17.68 -21.06 -6.76
N THR A 577 18.18 -20.58 -5.61
CA THR A 577 18.40 -21.46 -4.47
C THR A 577 17.07 -22.03 -3.92
N PHE A 578 15.95 -21.36 -4.19
CA PHE A 578 14.67 -21.95 -3.81
C PHE A 578 14.33 -23.25 -4.55
N THR A 579 14.90 -23.48 -5.75
CA THR A 579 14.60 -24.66 -6.58
C THR A 579 15.46 -25.89 -6.22
N THR A 580 16.34 -25.78 -5.20
CA THR A 580 17.24 -26.86 -4.81
C THR A 580 17.32 -27.03 -3.28
N LEU A 581 16.35 -26.57 -2.52
CA LEU A 581 16.43 -26.70 -1.06
C LEU A 581 16.26 -28.16 -0.62
N HIS A 582 17.08 -28.59 0.34
CA HIS A 582 16.98 -29.99 0.75
C HIS A 582 17.27 -30.28 2.23
N VAL A 583 17.98 -29.38 2.90
CA VAL A 583 18.14 -29.50 4.34
C VAL A 583 16.81 -29.14 5.00
N THR A 584 16.31 -30.03 5.86
CA THR A 584 15.17 -29.71 6.71
C THR A 584 15.67 -29.28 8.08
N LYS A 585 14.83 -28.54 8.80
CA LYS A 585 15.13 -28.19 10.18
C LYS A 585 15.13 -29.39 11.10
N LYS A 586 14.08 -30.23 11.03
CA LYS A 586 14.06 -31.42 11.87
C LYS A 586 15.34 -32.24 11.70
N SER A 587 15.98 -32.17 10.51
CA SER A 587 17.17 -32.95 10.22
C SER A 587 18.32 -32.65 11.17
N GLY A 588 18.29 -31.49 11.82
CA GLY A 588 19.43 -31.02 12.59
C GLY A 588 20.63 -30.56 11.76
N VAL A 589 20.67 -30.93 10.49
CA VAL A 589 21.82 -30.61 9.65
C VAL A 589 21.94 -29.11 9.45
N SER A 590 23.15 -28.65 9.24
CA SER A 590 23.24 -27.18 9.28
C SER A 590 23.01 -26.55 7.89
N PRO A 591 22.30 -25.42 7.83
CA PRO A 591 22.01 -24.80 6.53
C PRO A 591 23.20 -24.15 5.82
N ILE A 592 24.42 -24.19 6.38
CA ILE A 592 25.55 -23.43 5.84
C ILE A 592 26.01 -23.89 4.47
N VAL A 593 26.88 -23.07 3.86
CA VAL A 593 27.36 -23.24 2.50
C VAL A 593 28.87 -22.95 2.49
#